data_5SMH
#
_entry.id   5SMH
#
_cell.length_a   67.990
_cell.length_b   68.410
_cell.length_c   138.380
_cell.angle_alpha   90.000
_cell.angle_beta   90.000
_cell.angle_gamma   90.000
#
_symmetry.space_group_name_H-M   'P 21 21 21'
#
loop_
_entity.id
_entity.type
_entity.pdbx_description
1 polymer 'Proofreading exoribonuclease nsp14'
2 non-polymer 'ZINC ION'
3 non-polymer 'PHOSPHATE ION'
4 non-polymer 1-(5-methoxy-1H-indol-3-yl)-N,N-dimethyl-methanamine
5 water water
#
_entity_poly.entity_id   1
_entity_poly.type   'polypeptide(L)'
_entity_poly.pdbx_seq_one_letter_code
;SMLFKDCSKVITGLHPTQAPTHLSVDTKFKTEGLCVDIPGIPKDMTYRRLISMMGFKMNYQVNGYPNMFITREEAIRHVR
AWIGFDVEGCHATREAVGTNLPLQLGFSTGVNLVAVPTGYVDTPNNTDFSRVSAKPPPGDQFKHLIPLMYKGLPWNVVRI
KIVQMLSDTLKNLSDRVVFVLWAHGFELTSMKYFVKIGPERTCCLCDRRATCFSTASDTYACWHHSIGFDYVYNPFMIDV
QQWGFTGNLQSNHDLYCQVHGNAHVASCDAIMTRCLAVHECFVKRVDWTIEYPIIGDELKINAACRKVQHMVVKAALLAD
KFPVLHDIGNPKAIKCVPQADVEWKFYDAQPCSDKAYKIEELFYSYATHSDKFTDGVCLFWNCNVDRYPANSIVCRFDTR
VLSNLNLPGCDGGSLYVNKHAFHTPAFDKSAFVNLKQLPFFYYSDSPCESHGKQVVSDIDYVPLKSATCITRCNLGGAVC
RHHANEYRLYLDAYNMMISAGFSLWVYKQFDTYNLWNTFTRLQ
;
_entity_poly.pdbx_strand_id   D
#
loop_
_chem_comp.id
_chem_comp.type
_chem_comp.name
_chem_comp.formula
7ZC non-polymer 1-(5-methoxy-1H-indol-3-yl)-N,N-dimethyl-methanamine 'C12 H16 N2 O'
PO4 non-polymer 'PHOSPHATE ION' 'O4 P -3'
ZN non-polymer 'ZINC ION' 'Zn 2'
#
# COMPACT_ATOMS: atom_id res chain seq x y z
N PRO A 20 -16.00 22.85 -5.25
CA PRO A 20 -15.78 21.45 -5.64
C PRO A 20 -15.13 20.59 -4.55
N THR A 21 -15.82 20.41 -3.40
CA THR A 21 -15.27 19.60 -2.31
C THR A 21 -15.85 18.19 -2.36
N HIS A 22 -17.17 18.05 -2.29
CA HIS A 22 -17.82 16.74 -2.28
C HIS A 22 -18.58 16.42 -3.59
N LEU A 23 -19.07 15.19 -3.74
CA LEU A 23 -19.84 14.79 -4.89
C LEU A 23 -21.29 15.23 -4.61
N SER A 24 -21.86 16.13 -5.42
CA SER A 24 -23.23 16.61 -5.21
C SER A 24 -24.24 15.49 -5.36
N VAL A 25 -25.30 15.52 -4.53
CA VAL A 25 -26.38 14.53 -4.66
C VAL A 25 -27.17 14.75 -5.96
N ASP A 26 -27.16 15.99 -6.49
CA ASP A 26 -27.85 16.32 -7.72
C ASP A 26 -27.05 15.92 -8.99
N THR A 27 -25.89 15.22 -8.83
CA THR A 27 -25.07 14.70 -9.94
C THR A 27 -25.78 13.48 -10.58
N LYS A 28 -25.60 13.30 -11.88
CA LYS A 28 -26.23 12.19 -12.58
C LYS A 28 -25.52 10.88 -12.33
N PHE A 29 -26.27 9.81 -12.31
CA PHE A 29 -25.79 8.47 -12.11
C PHE A 29 -26.26 7.64 -13.30
N LYS A 30 -25.33 7.01 -14.03
CA LYS A 30 -25.63 6.19 -15.20
C LYS A 30 -26.23 4.87 -14.72
N THR A 31 -27.50 4.59 -15.05
CA THR A 31 -28.16 3.39 -14.55
C THR A 31 -28.11 2.15 -15.44
N GLU A 32 -27.38 2.21 -16.56
CA GLU A 32 -27.35 1.08 -17.49
C GLU A 32 -26.87 -0.23 -16.87
N GLY A 33 -25.86 -0.15 -16.02
CA GLY A 33 -25.33 -1.32 -15.33
C GLY A 33 -26.27 -1.91 -14.29
N LEU A 34 -27.29 -1.16 -13.87
CA LEU A 34 -28.22 -1.61 -12.85
C LEU A 34 -29.50 -2.24 -13.39
N CYS A 35 -29.77 -2.14 -14.70
CA CYS A 35 -31.04 -2.59 -15.25
C CYS A 35 -31.20 -4.09 -15.41
N VAL A 36 -30.16 -4.93 -15.15
CA VAL A 36 -30.40 -6.39 -15.22
C VAL A 36 -30.94 -6.85 -13.88
N ASP A 37 -30.36 -6.36 -12.76
CA ASP A 37 -30.90 -6.66 -11.44
C ASP A 37 -32.17 -5.83 -11.14
N ILE A 38 -32.24 -4.58 -11.64
CA ILE A 38 -33.38 -3.68 -11.46
C ILE A 38 -33.97 -3.30 -12.83
N PRO A 39 -34.75 -4.18 -13.48
CA PRO A 39 -35.33 -3.82 -14.77
C PRO A 39 -36.34 -2.69 -14.66
N GLY A 40 -36.27 -1.78 -15.63
CA GLY A 40 -37.14 -0.63 -15.69
C GLY A 40 -36.55 0.62 -15.07
N ILE A 41 -35.35 0.52 -14.47
CA ILE A 41 -34.69 1.64 -13.80
C ILE A 41 -34.58 2.85 -14.73
N PRO A 42 -35.11 3.99 -14.29
CA PRO A 42 -35.12 5.17 -15.16
C PRO A 42 -33.72 5.58 -15.61
N LYS A 43 -33.60 5.97 -16.85
CA LYS A 43 -32.32 6.38 -17.41
C LYS A 43 -31.86 7.67 -16.70
N ASP A 44 -32.81 8.57 -16.38
CA ASP A 44 -32.49 9.78 -15.64
C ASP A 44 -32.42 9.41 -14.15
N MET A 45 -31.23 9.55 -13.58
CA MET A 45 -31.03 9.24 -12.17
C MET A 45 -29.97 10.17 -11.61
N THR A 46 -30.22 10.72 -10.41
CA THR A 46 -29.27 11.52 -9.65
C THR A 46 -28.85 10.68 -8.44
N TYR A 47 -27.74 11.05 -7.77
CA TYR A 47 -27.31 10.33 -6.57
C TYR A 47 -28.39 10.41 -5.48
N ARG A 48 -29.07 11.56 -5.37
CA ARG A 48 -30.15 11.85 -4.44
C ARG A 48 -31.26 10.84 -4.63
N ARG A 49 -31.71 10.63 -5.88
CA ARG A 49 -32.77 9.68 -6.14
C ARG A 49 -32.37 8.22 -5.87
N LEU A 50 -31.09 7.92 -6.12
CA LEU A 50 -30.51 6.59 -5.96
C LEU A 50 -30.49 6.22 -4.52
N ILE A 51 -29.98 7.11 -3.65
CA ILE A 51 -29.89 6.90 -2.21
C ILE A 51 -31.30 6.69 -1.63
N SER A 52 -32.27 7.47 -2.11
CA SER A 52 -33.66 7.30 -1.70
C SER A 52 -34.18 5.91 -2.06
N MET A 53 -33.91 5.45 -3.29
CA MET A 53 -34.27 4.14 -3.81
C MET A 53 -33.56 3.00 -3.04
N MET A 54 -32.36 3.30 -2.48
CA MET A 54 -31.62 2.33 -1.68
C MET A 54 -32.20 2.17 -0.25
N GLY A 55 -33.21 2.97 0.12
CA GLY A 55 -33.86 2.91 1.42
C GLY A 55 -33.28 3.83 2.45
N PHE A 56 -32.69 4.95 2.02
CA PHE A 56 -32.07 5.89 2.95
C PHE A 56 -32.66 7.28 2.87
N LYS A 57 -32.63 8.03 3.97
CA LYS A 57 -33.14 9.39 4.00
C LYS A 57 -32.08 10.33 4.51
N MET A 58 -31.62 11.27 3.67
CA MET A 58 -30.59 12.22 4.09
C MET A 58 -31.14 13.41 4.92
N ASN A 59 -32.49 13.60 4.94
CA ASN A 59 -33.22 14.62 5.71
C ASN A 59 -32.65 16.07 5.71
N TYR A 60 -32.02 16.51 4.59
CA TYR A 60 -31.38 17.84 4.43
C TYR A 60 -30.38 18.07 5.57
N GLN A 61 -29.57 17.04 5.83
CA GLN A 61 -28.60 17.05 6.92
C GLN A 61 -27.23 17.63 6.47
N VAL A 62 -26.89 18.81 7.05
CA VAL A 62 -25.60 19.47 6.83
C VAL A 62 -24.64 19.08 7.97
N ASN A 63 -24.65 17.81 8.34
CA ASN A 63 -23.83 17.35 9.46
C ASN A 63 -22.66 16.46 9.02
N GLY A 64 -21.88 16.96 8.08
CA GLY A 64 -20.66 16.28 7.63
C GLY A 64 -20.79 15.05 6.77
N TYR A 65 -22.01 14.61 6.46
CA TYR A 65 -22.21 13.45 5.59
C TYR A 65 -23.10 13.90 4.42
N PRO A 66 -22.53 14.58 3.42
CA PRO A 66 -23.36 15.16 2.36
C PRO A 66 -23.85 14.21 1.30
N ASN A 67 -23.15 13.10 1.11
CA ASN A 67 -23.50 12.08 0.14
C ASN A 67 -22.92 10.73 0.58
N MET A 68 -23.59 9.63 0.23
CA MET A 68 -23.05 8.30 0.51
C MET A 68 -21.93 7.98 -0.49
N PHE A 69 -22.08 8.44 -1.74
CA PHE A 69 -21.11 8.22 -2.81
C PHE A 69 -20.09 9.33 -2.82
N ILE A 70 -18.86 9.01 -3.25
CA ILE A 70 -17.77 9.99 -3.23
C ILE A 70 -17.07 10.10 -4.59
N THR A 71 -16.33 11.22 -4.80
CA THR A 71 -15.60 11.48 -6.03
C THR A 71 -14.36 10.60 -6.15
N ARG A 72 -13.77 10.50 -7.36
CA ARG A 72 -12.53 9.77 -7.62
C ARG A 72 -11.40 10.38 -6.80
N GLU A 73 -11.35 11.73 -6.70
CA GLU A 73 -10.34 12.48 -5.93
C GLU A 73 -10.41 12.15 -4.45
N GLU A 74 -11.63 12.09 -3.90
CA GLU A 74 -11.82 11.74 -2.51
C GLU A 74 -11.51 10.27 -2.30
N ALA A 75 -11.88 9.40 -3.25
CA ALA A 75 -11.54 7.98 -3.16
C ALA A 75 -10.02 7.77 -3.12
N ILE A 76 -9.27 8.52 -3.94
CA ILE A 76 -7.82 8.42 -3.97
C ILE A 76 -7.22 8.78 -2.59
N ARG A 77 -7.61 9.92 -2.01
CA ARG A 77 -7.12 10.30 -0.68
C ARG A 77 -7.47 9.23 0.38
N HIS A 78 -8.60 8.52 0.20
CA HIS A 78 -9.01 7.50 1.18
C HIS A 78 -8.80 6.08 0.69
N VAL A 79 -7.70 5.85 -0.06
CA VAL A 79 -7.40 4.54 -0.63
C VAL A 79 -7.22 3.45 0.41
N ARG A 80 -6.67 3.77 1.60
CA ARG A 80 -6.50 2.77 2.66
C ARG A 80 -7.84 2.24 3.21
N ALA A 81 -8.95 2.94 2.93
CA ALA A 81 -10.28 2.51 3.34
C ALA A 81 -10.97 1.65 2.26
N TRP A 82 -10.36 1.46 1.07
CA TRP A 82 -10.97 0.72 -0.02
C TRP A 82 -11.19 -0.74 0.24
N ILE A 83 -12.46 -1.16 0.11
CA ILE A 83 -12.88 -2.54 0.21
C ILE A 83 -13.79 -2.81 -0.96
N GLY A 84 -13.35 -3.66 -1.88
CA GLY A 84 -14.15 -4.07 -3.02
C GLY A 84 -15.35 -4.84 -2.53
N PHE A 85 -16.51 -4.54 -3.04
CA PHE A 85 -17.74 -5.16 -2.58
C PHE A 85 -18.63 -5.60 -3.75
N ASP A 86 -19.08 -6.85 -3.71
CA ASP A 86 -19.95 -7.38 -4.70
C ASP A 86 -21.03 -8.22 -4.04
N VAL A 87 -22.24 -8.20 -4.61
CA VAL A 87 -23.35 -9.02 -4.15
C VAL A 87 -23.92 -9.75 -5.37
N GLU A 88 -23.88 -11.09 -5.32
CA GLU A 88 -24.38 -11.98 -6.36
C GLU A 88 -25.55 -12.76 -5.84
N GLY A 89 -26.64 -12.78 -6.60
CA GLY A 89 -27.82 -13.55 -6.20
C GLY A 89 -27.52 -15.02 -6.31
N CYS A 90 -27.85 -15.80 -5.26
CA CYS A 90 -27.61 -17.26 -5.29
C CYS A 90 -28.80 -17.91 -6.00
N HIS A 91 -30.02 -17.52 -5.61
CA HIS A 91 -31.22 -18.05 -6.26
C HIS A 91 -31.88 -16.96 -7.11
N GLY A 98 -33.20 -11.29 -3.61
CA GLY A 98 -34.27 -10.36 -3.88
C GLY A 98 -35.49 -10.55 -2.99
N THR A 99 -35.26 -10.57 -1.64
CA THR A 99 -36.21 -10.77 -0.53
C THR A 99 -36.79 -12.21 -0.55
N ASN A 100 -36.81 -12.87 -1.71
CA ASN A 100 -37.25 -14.25 -1.83
C ASN A 100 -36.01 -15.16 -1.86
N LEU A 101 -34.97 -14.75 -2.62
CA LEU A 101 -33.73 -15.51 -2.80
C LEU A 101 -32.57 -15.09 -1.86
N PRO A 102 -31.68 -16.05 -1.52
CA PRO A 102 -30.53 -15.72 -0.67
C PRO A 102 -29.38 -15.04 -1.45
N LEU A 103 -28.63 -14.15 -0.79
CA LEU A 103 -27.57 -13.40 -1.45
C LEU A 103 -26.19 -13.75 -1.00
N GLN A 104 -25.22 -13.71 -1.94
CA GLN A 104 -23.82 -13.93 -1.60
C GLN A 104 -23.08 -12.59 -1.57
N LEU A 105 -22.50 -12.25 -0.42
CA LEU A 105 -21.79 -11.01 -0.19
C LEU A 105 -20.33 -11.33 -0.25
N GLY A 106 -19.64 -10.68 -1.16
CA GLY A 106 -18.23 -10.90 -1.34
C GLY A 106 -17.47 -9.63 -1.11
N PHE A 107 -16.32 -9.73 -0.46
CA PHE A 107 -15.51 -8.57 -0.17
C PHE A 107 -14.08 -8.77 -0.68
N SER A 108 -13.34 -7.67 -0.86
CA SER A 108 -11.95 -7.79 -1.34
C SER A 108 -11.02 -8.50 -0.33
N THR A 109 -11.49 -8.72 0.90
CA THR A 109 -10.77 -9.46 1.93
C THR A 109 -10.73 -11.00 1.65
N GLY A 110 -11.44 -11.45 0.62
CA GLY A 110 -11.54 -12.86 0.28
C GLY A 110 -12.68 -13.54 1.01
N VAL A 111 -13.52 -12.76 1.74
CA VAL A 111 -14.64 -13.27 2.50
C VAL A 111 -15.92 -13.37 1.69
N ASN A 112 -16.69 -14.46 1.88
CA ASN A 112 -17.97 -14.67 1.23
C ASN A 112 -19.03 -15.04 2.24
N LEU A 113 -19.93 -14.12 2.58
CA LEU A 113 -21.02 -14.41 3.51
C LEU A 113 -22.31 -14.68 2.72
N VAL A 114 -23.19 -15.55 3.24
CA VAL A 114 -24.47 -15.80 2.57
C VAL A 114 -25.62 -15.33 3.46
N ALA A 115 -26.37 -14.31 3.00
CA ALA A 115 -27.51 -13.75 3.72
C ALA A 115 -28.84 -14.36 3.25
N VAL A 116 -29.70 -14.73 4.20
CA VAL A 116 -31.03 -15.29 3.93
C VAL A 116 -32.10 -14.36 4.50
N PRO A 117 -33.26 -14.28 3.84
CA PRO A 117 -34.28 -13.32 4.29
C PRO A 117 -35.34 -13.87 5.25
N THR A 118 -35.58 -15.21 5.24
CA THR A 118 -36.54 -15.96 6.07
C THR A 118 -37.27 -15.17 7.19
N PRO A 147 -11.13 -16.73 -0.73
CA PRO A 147 -12.35 -17.41 -1.16
C PRO A 147 -13.02 -18.16 -0.01
N LEU A 148 -13.10 -17.53 1.18
CA LEU A 148 -13.69 -18.13 2.36
C LEU A 148 -15.20 -18.12 2.33
N MET A 149 -15.76 -19.27 1.92
CA MET A 149 -17.19 -19.52 1.74
C MET A 149 -17.94 -19.89 3.01
N TYR A 150 -18.81 -18.99 3.49
CA TYR A 150 -19.66 -19.24 4.67
C TYR A 150 -21.06 -19.70 4.23
N LYS A 151 -21.81 -20.36 5.13
CA LYS A 151 -23.15 -20.87 4.81
C LYS A 151 -24.25 -19.80 5.02
N GLY A 152 -25.46 -20.09 4.53
CA GLY A 152 -26.61 -19.18 4.65
C GLY A 152 -27.03 -18.89 6.07
N LEU A 153 -27.20 -17.61 6.40
CA LEU A 153 -27.57 -17.12 7.74
C LEU A 153 -28.35 -15.80 7.62
N PRO A 154 -29.33 -15.51 8.52
CA PRO A 154 -30.08 -14.27 8.41
C PRO A 154 -29.26 -12.99 8.52
N TRP A 155 -29.85 -11.86 8.12
CA TRP A 155 -29.19 -10.56 8.14
C TRP A 155 -28.74 -10.06 9.46
N ASN A 156 -29.44 -10.43 10.56
CA ASN A 156 -29.09 -9.99 11.90
C ASN A 156 -27.76 -10.54 12.36
N VAL A 157 -27.41 -11.76 11.93
CA VAL A 157 -26.13 -12.35 12.27
C VAL A 157 -25.06 -11.94 11.25
N VAL A 158 -25.43 -11.79 9.97
CA VAL A 158 -24.49 -11.38 8.93
C VAL A 158 -24.00 -9.94 9.14
N ARG A 159 -24.85 -9.04 9.67
CA ARG A 159 -24.43 -7.66 9.89
C ARG A 159 -23.33 -7.57 10.96
N ILE A 160 -23.39 -8.45 12.01
CA ILE A 160 -22.39 -8.57 13.09
C ILE A 160 -21.00 -8.96 12.53
N LYS A 161 -20.98 -9.93 11.62
CA LYS A 161 -19.77 -10.42 11.00
C LYS A 161 -19.14 -9.34 10.10
N ILE A 162 -19.97 -8.58 9.36
CA ILE A 162 -19.49 -7.49 8.49
C ILE A 162 -18.80 -6.44 9.33
N VAL A 163 -19.39 -6.04 10.49
CA VAL A 163 -18.77 -5.04 11.37
C VAL A 163 -17.41 -5.54 11.85
N GLN A 164 -17.36 -6.76 12.45
CA GLN A 164 -16.11 -7.38 12.90
C GLN A 164 -15.05 -7.41 11.79
N MET A 165 -15.39 -7.93 10.60
CA MET A 165 -14.48 -8.02 9.47
C MET A 165 -13.91 -6.66 9.04
N LEU A 166 -14.78 -5.64 8.83
CA LEU A 166 -14.33 -4.32 8.45
C LEU A 166 -13.46 -3.67 9.54
N SER A 167 -13.83 -3.87 10.81
CA SER A 167 -13.09 -3.32 11.94
C SER A 167 -11.70 -3.94 12.06
N ASP A 168 -11.59 -5.28 11.95
CA ASP A 168 -10.30 -5.95 12.01
C ASP A 168 -9.42 -5.60 10.80
N THR A 169 -10.03 -5.26 9.66
CA THR A 169 -9.26 -4.91 8.48
C THR A 169 -8.81 -3.46 8.50
N LEU A 170 -9.69 -2.53 8.90
CA LEU A 170 -9.41 -1.12 8.78
C LEU A 170 -9.00 -0.35 10.01
N LYS A 171 -8.88 -0.97 11.19
CA LYS A 171 -8.54 -0.17 12.39
C LYS A 171 -7.16 0.48 12.32
N ASN A 172 -6.18 -0.23 11.76
CA ASN A 172 -4.83 0.32 11.65
C ASN A 172 -4.55 0.81 10.22
N LEU A 173 -5.59 1.23 9.47
CA LEU A 173 -5.44 1.66 8.10
C LEU A 173 -6.13 2.98 7.82
N SER A 174 -7.41 3.11 8.24
CA SER A 174 -8.23 4.25 7.89
C SER A 174 -9.28 4.64 8.93
N ASP A 175 -9.83 5.87 8.81
CA ASP A 175 -10.90 6.38 9.66
C ASP A 175 -12.31 6.08 9.11
N ARG A 176 -12.41 5.31 8.02
CA ARG A 176 -13.67 5.00 7.36
C ARG A 176 -13.54 3.73 6.48
N VAL A 177 -14.57 3.43 5.68
CA VAL A 177 -14.60 2.37 4.70
C VAL A 177 -15.12 3.00 3.39
N VAL A 178 -14.59 2.57 2.24
CA VAL A 178 -15.05 3.00 0.93
C VAL A 178 -15.40 1.72 0.20
N PHE A 179 -16.68 1.46 -0.03
CA PHE A 179 -17.09 0.25 -0.74
C PHE A 179 -16.86 0.52 -2.21
N VAL A 180 -15.89 -0.17 -2.78
CA VAL A 180 -15.56 -0.01 -4.19
C VAL A 180 -16.45 -0.98 -5.00
N LEU A 181 -17.36 -0.43 -5.77
CA LEU A 181 -18.35 -1.24 -6.50
C LEU A 181 -18.19 -1.22 -8.01
N TRP A 182 -18.74 -2.24 -8.64
CA TRP A 182 -18.98 -2.31 -10.07
C TRP A 182 -20.48 -2.63 -10.02
N ALA A 183 -21.26 -1.61 -9.58
CA ALA A 183 -22.67 -1.68 -9.29
C ALA A 183 -23.53 -2.24 -10.40
N HIS A 184 -24.34 -3.21 -10.03
CA HIS A 184 -25.31 -3.86 -10.88
C HIS A 184 -26.72 -3.93 -10.21
N GLY A 185 -26.84 -3.59 -8.92
CA GLY A 185 -28.13 -3.58 -8.24
C GLY A 185 -28.18 -4.18 -6.86
N PHE A 186 -27.92 -5.49 -6.74
CA PHE A 186 -27.98 -6.21 -5.47
C PHE A 186 -27.13 -5.61 -4.35
N GLU A 187 -25.92 -5.13 -4.66
CA GLU A 187 -25.06 -4.57 -3.61
C GLU A 187 -25.66 -3.30 -3.03
N LEU A 188 -26.27 -2.44 -3.86
CA LEU A 188 -26.88 -1.19 -3.41
C LEU A 188 -28.16 -1.45 -2.64
N THR A 189 -29.01 -2.35 -3.14
CA THR A 189 -30.29 -2.63 -2.49
C THR A 189 -30.12 -3.51 -1.24
N SER A 190 -28.95 -4.13 -1.02
CA SER A 190 -28.70 -4.93 0.18
C SER A 190 -27.99 -4.13 1.28
N MET A 191 -27.72 -2.83 1.07
CA MET A 191 -27.02 -2.05 2.05
C MET A 191 -27.89 -1.62 3.20
N LYS A 192 -29.20 -1.49 2.99
CA LYS A 192 -30.11 -1.14 4.07
C LYS A 192 -30.16 -2.24 5.16
N TYR A 193 -29.68 -3.46 4.84
CA TYR A 193 -29.67 -4.54 5.80
C TYR A 193 -28.44 -4.57 6.67
N PHE A 194 -27.42 -3.71 6.42
CA PHE A 194 -26.23 -3.70 7.27
C PHE A 194 -25.64 -2.31 7.50
N VAL A 195 -26.21 -1.24 6.90
CA VAL A 195 -25.73 0.14 6.99
C VAL A 195 -26.77 1.08 7.58
N LYS A 196 -26.37 1.90 8.56
CA LYS A 196 -27.22 2.96 9.13
C LYS A 196 -26.52 4.30 8.85
N ILE A 197 -27.27 5.37 8.55
CA ILE A 197 -26.68 6.68 8.25
C ILE A 197 -27.31 7.82 9.09
N GLY A 198 -26.58 8.92 9.24
CA GLY A 198 -27.04 10.11 9.94
C GLY A 198 -25.96 11.15 10.03
N PRO A 199 -26.05 12.05 11.01
CA PRO A 199 -24.99 13.06 11.18
C PRO A 199 -23.63 12.44 11.52
N GLU A 200 -22.53 13.17 11.25
CA GLU A 200 -21.21 12.68 11.61
C GLU A 200 -21.09 12.61 13.13
N ARG A 201 -20.54 11.51 13.64
CA ARG A 201 -20.42 11.31 15.09
C ARG A 201 -19.00 10.92 15.52
N THR A 202 -18.75 10.87 16.86
CA THR A 202 -17.47 10.41 17.38
C THR A 202 -17.66 9.07 18.14
N CYS A 203 -16.55 8.38 18.44
CA CYS A 203 -16.58 7.11 19.14
C CYS A 203 -16.99 7.30 20.62
N CYS A 204 -17.73 6.34 21.19
CA CYS A 204 -18.15 6.41 22.59
C CYS A 204 -17.03 6.08 23.59
N LEU A 205 -15.89 5.55 23.11
CA LEU A 205 -14.76 5.25 23.96
C LEU A 205 -13.53 6.11 23.59
N CYS A 206 -13.54 6.82 22.43
CA CYS A 206 -12.42 7.68 22.04
C CYS A 206 -12.85 8.88 21.14
N ASP A 207 -11.88 9.62 20.58
CA ASP A 207 -12.17 10.82 19.79
C ASP A 207 -12.21 10.59 18.27
N ARG A 208 -11.98 9.35 17.81
CA ARG A 208 -12.04 9.05 16.38
C ARG A 208 -13.49 9.10 15.89
N ARG A 209 -13.70 9.33 14.57
CA ARG A 209 -15.06 9.36 14.04
C ARG A 209 -15.72 7.99 14.14
N ALA A 210 -17.06 8.01 14.22
CA ALA A 210 -17.86 6.81 14.31
C ALA A 210 -17.92 6.15 12.96
N THR A 211 -17.67 4.85 12.96
CA THR A 211 -17.74 4.01 11.78
C THR A 211 -18.74 2.87 11.97
N CYS A 212 -19.16 2.57 13.22
CA CYS A 212 -20.14 1.51 13.54
C CYS A 212 -21.24 2.01 14.49
N PHE A 213 -22.35 1.25 14.59
CA PHE A 213 -23.47 1.54 15.46
C PHE A 213 -23.98 0.25 16.13
N SER A 214 -24.35 0.32 17.41
CA SER A 214 -24.88 -0.83 18.12
C SER A 214 -26.35 -0.62 18.44
N THR A 215 -27.27 -1.44 17.88
CA THR A 215 -28.70 -1.35 18.24
C THR A 215 -28.97 -1.94 19.64
N ALA A 216 -28.02 -2.71 20.21
CA ALA A 216 -28.15 -3.33 21.51
C ALA A 216 -27.93 -2.33 22.62
N SER A 217 -26.99 -1.40 22.45
CA SER A 217 -26.70 -0.38 23.46
C SER A 217 -26.97 1.06 23.01
N ASP A 218 -27.47 1.26 21.77
CA ASP A 218 -27.76 2.57 21.20
C ASP A 218 -26.55 3.53 21.18
N THR A 219 -25.33 3.01 20.97
CA THR A 219 -24.11 3.83 20.96
C THR A 219 -23.32 3.76 19.62
N TYR A 220 -22.28 4.61 19.45
CA TYR A 220 -21.45 4.69 18.24
C TYR A 220 -20.00 4.39 18.56
N ALA A 221 -19.27 3.77 17.64
CA ALA A 221 -17.88 3.44 17.86
C ALA A 221 -17.05 3.51 16.59
N CYS A 222 -15.72 3.64 16.70
CA CYS A 222 -14.80 3.61 15.57
C CYS A 222 -14.45 2.12 15.30
N TRP A 223 -13.48 1.83 14.40
CA TRP A 223 -13.06 0.45 14.15
C TRP A 223 -12.36 -0.17 15.37
N HIS A 224 -11.72 0.66 16.22
CA HIS A 224 -10.98 0.16 17.38
C HIS A 224 -11.85 -0.32 18.55
N HIS A 225 -13.10 0.19 18.68
CA HIS A 225 -13.93 -0.13 19.85
C HIS A 225 -15.34 -0.61 19.46
N SER A 226 -15.45 -1.31 18.33
CA SER A 226 -16.74 -1.77 17.84
C SER A 226 -17.05 -3.24 18.16
N ILE A 227 -16.41 -3.84 19.17
CA ILE A 227 -16.65 -5.25 19.49
C ILE A 227 -18.08 -5.43 19.96
N GLY A 228 -18.82 -6.30 19.27
CA GLY A 228 -20.23 -6.50 19.54
C GLY A 228 -21.15 -5.52 18.83
N PHE A 229 -20.61 -4.70 17.90
CA PHE A 229 -21.43 -3.73 17.14
C PHE A 229 -22.00 -4.41 15.88
N ASP A 230 -23.21 -3.97 15.44
CA ASP A 230 -23.90 -4.65 14.34
C ASP A 230 -24.22 -3.82 13.08
N TYR A 231 -24.09 -2.48 13.09
CA TYR A 231 -24.38 -1.70 11.87
C TYR A 231 -23.21 -0.88 11.44
N VAL A 232 -22.95 -0.83 10.13
CA VAL A 232 -21.91 -0.01 9.58
C VAL A 232 -22.50 1.40 9.56
N TYR A 233 -21.87 2.32 10.29
CA TYR A 233 -22.37 3.68 10.36
C TYR A 233 -21.65 4.62 9.40
N ASN A 234 -22.42 5.34 8.57
CA ASN A 234 -21.90 6.32 7.62
C ASN A 234 -20.71 5.82 6.77
N PRO A 235 -20.89 4.71 6.01
CA PRO A 235 -19.82 4.29 5.11
C PRO A 235 -19.78 5.19 3.87
N PHE A 236 -18.81 4.95 2.99
CA PHE A 236 -18.73 5.66 1.72
C PHE A 236 -18.70 4.60 0.60
N MET A 237 -18.91 5.03 -0.64
CA MET A 237 -18.91 4.11 -1.77
C MET A 237 -18.65 4.81 -3.05
N ILE A 238 -18.15 4.07 -4.04
CA ILE A 238 -17.86 4.60 -5.36
C ILE A 238 -18.14 3.51 -6.40
N ASP A 239 -18.87 3.85 -7.46
CA ASP A 239 -19.17 2.87 -8.50
C ASP A 239 -18.16 3.09 -9.61
N VAL A 240 -17.25 2.14 -9.77
CA VAL A 240 -16.22 2.14 -10.80
C VAL A 240 -16.83 2.22 -12.21
N GLN A 241 -18.02 1.63 -12.38
CA GLN A 241 -18.72 1.67 -13.64
C GLN A 241 -19.09 3.10 -14.09
N GLN A 242 -19.13 4.07 -13.17
CA GLN A 242 -19.41 5.45 -13.52
C GLN A 242 -18.29 6.11 -14.29
N TRP A 243 -17.06 5.58 -14.20
CA TRP A 243 -15.90 6.17 -14.84
C TRP A 243 -15.83 5.96 -16.35
N GLY A 244 -16.84 5.35 -16.95
CA GLY A 244 -16.91 5.15 -18.38
C GLY A 244 -16.04 4.03 -18.89
N PHE A 245 -16.60 2.83 -18.94
CA PHE A 245 -15.91 1.64 -19.42
C PHE A 245 -16.75 0.96 -20.51
N THR A 246 -16.09 0.14 -21.34
CA THR A 246 -16.76 -0.65 -22.37
C THR A 246 -16.63 -2.11 -21.92
N GLY A 247 -17.73 -2.86 -22.00
CA GLY A 247 -17.70 -4.26 -21.61
C GLY A 247 -17.82 -4.50 -20.11
N ASN A 248 -17.74 -5.78 -19.70
CA ASN A 248 -17.92 -6.19 -18.31
C ASN A 248 -16.66 -5.99 -17.41
N LEU A 249 -16.76 -6.38 -16.14
CA LEU A 249 -15.65 -6.22 -15.19
C LEU A 249 -14.46 -7.07 -15.58
N GLN A 250 -14.69 -8.37 -15.87
CA GLN A 250 -13.59 -9.25 -16.22
C GLN A 250 -12.84 -8.79 -17.47
N SER A 251 -13.54 -8.32 -18.52
CA SER A 251 -12.84 -7.85 -19.73
C SER A 251 -11.89 -6.69 -19.42
N ASN A 252 -12.32 -5.75 -18.58
CA ASN A 252 -11.49 -4.61 -18.23
C ASN A 252 -10.36 -4.95 -17.24
N HIS A 253 -10.66 -5.76 -16.21
CA HIS A 253 -9.67 -6.16 -15.22
C HIS A 253 -8.58 -6.99 -15.89
N ASP A 254 -8.96 -7.96 -16.74
CA ASP A 254 -7.99 -8.87 -17.37
C ASP A 254 -7.10 -8.19 -18.42
N LEU A 255 -7.47 -6.98 -18.89
CA LEU A 255 -6.60 -6.22 -19.80
C LEU A 255 -5.29 -5.86 -19.12
N TYR A 256 -5.32 -5.68 -17.77
CA TYR A 256 -4.17 -5.23 -16.99
C TYR A 256 -3.61 -6.23 -15.99
N CYS A 257 -4.44 -7.15 -15.47
CA CYS A 257 -3.98 -8.05 -14.41
C CYS A 257 -4.22 -9.52 -14.69
N GLN A 258 -3.23 -10.36 -14.43
CA GLN A 258 -3.34 -11.80 -14.60
C GLN A 258 -3.22 -12.60 -13.28
N VAL A 259 -3.25 -11.92 -12.13
CA VAL A 259 -3.11 -12.56 -10.82
C VAL A 259 -4.46 -12.88 -10.17
N HIS A 260 -5.47 -12.06 -10.43
CA HIS A 260 -6.80 -12.33 -9.94
C HIS A 260 -7.60 -13.03 -11.03
N GLY A 261 -8.07 -14.22 -10.71
CA GLY A 261 -8.89 -14.99 -11.64
C GLY A 261 -10.35 -14.87 -11.28
N ASN A 262 -11.24 -15.28 -12.21
CA ASN A 262 -12.67 -15.25 -11.91
C ASN A 262 -13.18 -16.62 -11.57
N ALA A 263 -13.53 -16.85 -10.31
CA ALA A 263 -14.09 -18.13 -9.92
C ALA A 263 -15.62 -18.15 -9.85
N HIS A 264 -16.28 -17.03 -10.19
CA HIS A 264 -17.73 -16.88 -10.17
C HIS A 264 -18.32 -16.81 -8.75
N VAL A 265 -17.48 -16.47 -7.75
CA VAL A 265 -17.92 -16.20 -6.38
C VAL A 265 -17.90 -14.67 -6.18
N ALA A 266 -18.78 -14.14 -5.33
CA ALA A 266 -18.88 -12.70 -5.13
C ALA A 266 -17.57 -12.03 -4.76
N SER A 267 -16.74 -12.67 -3.93
CA SER A 267 -15.46 -12.08 -3.53
C SER A 267 -14.46 -11.92 -4.68
N CYS A 268 -14.53 -12.75 -5.75
CA CYS A 268 -13.61 -12.61 -6.88
C CYS A 268 -13.83 -11.33 -7.64
N ASP A 269 -15.09 -10.94 -7.79
CA ASP A 269 -15.51 -9.73 -8.47
C ASP A 269 -15.12 -8.54 -7.60
N ALA A 270 -15.35 -8.62 -6.28
CA ALA A 270 -14.98 -7.62 -5.29
C ALA A 270 -13.47 -7.33 -5.38
N ILE A 271 -12.67 -8.38 -5.55
CA ILE A 271 -11.22 -8.32 -5.71
C ILE A 271 -10.81 -7.67 -7.04
N MET A 272 -11.39 -8.11 -8.18
CA MET A 272 -11.10 -7.54 -9.49
C MET A 272 -11.52 -6.04 -9.53
N THR A 273 -12.62 -5.68 -8.82
CA THR A 273 -13.17 -4.31 -8.77
C THR A 273 -12.17 -3.36 -8.09
N ARG A 274 -11.69 -3.72 -6.90
CA ARG A 274 -10.72 -2.89 -6.19
C ARG A 274 -9.42 -2.82 -7.00
N CYS A 275 -9.00 -3.95 -7.58
CA CYS A 275 -7.79 -4.07 -8.39
C CYS A 275 -7.89 -3.13 -9.60
N LEU A 276 -9.05 -3.08 -10.27
CA LEU A 276 -9.26 -2.21 -11.42
C LEU A 276 -9.20 -0.74 -11.03
N ALA A 277 -9.83 -0.39 -9.90
CA ALA A 277 -9.85 0.96 -9.35
C ALA A 277 -8.43 1.38 -9.00
N VAL A 278 -7.63 0.47 -8.43
CA VAL A 278 -6.24 0.75 -8.09
C VAL A 278 -5.44 1.01 -9.35
N HIS A 279 -5.71 0.27 -10.45
CA HIS A 279 -4.99 0.46 -11.71
C HIS A 279 -5.27 1.83 -12.31
N GLU A 280 -6.54 2.22 -12.36
CA GLU A 280 -6.96 3.47 -12.95
C GLU A 280 -6.48 4.71 -12.20
N CYS A 281 -6.35 4.60 -10.88
CA CYS A 281 -5.99 5.75 -10.07
C CYS A 281 -4.52 5.75 -9.62
N PHE A 282 -3.83 4.61 -9.65
CA PHE A 282 -2.46 4.54 -9.14
C PHE A 282 -1.44 3.94 -10.10
N VAL A 283 -1.91 3.17 -11.09
CA VAL A 283 -1.01 2.58 -12.07
C VAL A 283 -0.89 3.45 -13.30
N LYS A 284 -1.99 3.68 -14.04
CA LYS A 284 -1.97 4.50 -15.25
C LYS A 284 -1.99 5.99 -14.96
N ARG A 285 -2.54 6.39 -13.81
CA ARG A 285 -2.59 7.78 -13.40
C ARG A 285 -1.80 7.86 -12.09
N VAL A 286 -0.74 8.68 -12.05
CA VAL A 286 0.08 8.78 -10.85
C VAL A 286 0.11 10.20 -10.30
N ASP A 287 -0.36 10.41 -9.07
CA ASP A 287 -0.31 11.74 -8.46
C ASP A 287 0.51 11.70 -7.17
N TRP A 288 1.80 12.04 -7.25
CA TRP A 288 2.68 12.02 -6.07
C TRP A 288 2.56 13.27 -5.18
N THR A 289 1.66 14.20 -5.50
CA THR A 289 1.45 15.37 -4.67
C THR A 289 0.47 15.12 -3.50
N ILE A 290 -0.18 13.93 -3.45
CA ILE A 290 -1.14 13.64 -2.41
C ILE A 290 -0.43 13.14 -1.18
N GLU A 291 -0.68 13.78 -0.05
CA GLU A 291 -0.09 13.42 1.23
C GLU A 291 -1.00 12.40 1.92
N TYR A 292 -0.41 11.47 2.63
CA TYR A 292 -1.16 10.46 3.37
C TYR A 292 -0.81 10.54 4.84
N PRO A 293 -1.81 10.44 5.74
CA PRO A 293 -1.54 10.56 7.16
C PRO A 293 -0.64 9.45 7.72
N ILE A 294 0.01 9.72 8.86
CA ILE A 294 0.86 8.72 9.51
C ILE A 294 0.00 7.74 10.29
N ILE A 295 0.17 6.44 10.00
CA ILE A 295 -0.58 5.34 10.60
C ILE A 295 0.30 4.21 11.19
N GLY A 296 1.62 4.37 11.10
CA GLY A 296 2.56 3.36 11.56
C GLY A 296 3.96 3.91 11.77
N ASP A 297 4.97 3.10 11.41
CA ASP A 297 6.41 3.39 11.58
C ASP A 297 7.01 4.18 10.42
N GLU A 298 6.18 4.95 9.70
CA GLU A 298 6.58 5.76 8.55
C GLU A 298 7.90 6.53 8.74
N LEU A 299 8.02 7.31 9.80
CA LEU A 299 9.21 8.12 10.05
C LEU A 299 10.49 7.33 10.35
N LYS A 300 10.37 6.27 11.17
CA LYS A 300 11.53 5.44 11.49
C LYS A 300 12.03 4.71 10.24
N ILE A 301 11.11 4.30 9.36
CA ILE A 301 11.42 3.58 8.13
C ILE A 301 12.19 4.48 7.18
N ASN A 302 11.70 5.70 6.96
CA ASN A 302 12.35 6.65 6.05
C ASN A 302 13.72 7.05 6.57
N ALA A 303 13.83 7.25 7.89
CA ALA A 303 15.08 7.62 8.53
C ALA A 303 16.10 6.50 8.37
N ALA A 304 15.66 5.24 8.54
CA ALA A 304 16.50 4.06 8.41
C ALA A 304 17.00 3.91 7.00
N CYS A 305 16.15 4.15 5.99
CA CYS A 305 16.51 4.06 4.58
C CYS A 305 17.64 5.00 4.25
N ARG A 306 17.68 6.17 4.87
CA ARG A 306 18.75 7.13 4.63
C ARG A 306 20.04 6.69 5.30
N LYS A 307 19.94 6.12 6.52
CA LYS A 307 21.12 5.63 7.25
C LYS A 307 21.73 4.39 6.61
N VAL A 308 20.88 3.52 6.07
CA VAL A 308 21.33 2.30 5.44
C VAL A 308 21.95 2.61 4.10
N GLN A 309 21.34 3.51 3.31
CA GLN A 309 21.90 3.88 2.02
C GLN A 309 23.25 4.53 2.14
N HIS A 310 23.41 5.44 3.11
CA HIS A 310 24.70 6.08 3.34
C HIS A 310 25.77 5.02 3.70
N MET A 311 25.43 4.09 4.59
CA MET A 311 26.33 3.03 5.02
C MET A 311 26.76 2.10 3.89
N VAL A 312 25.79 1.59 3.15
CA VAL A 312 26.06 0.66 2.07
C VAL A 312 26.89 1.30 0.96
N VAL A 313 26.51 2.48 0.51
CA VAL A 313 27.21 3.15 -0.56
C VAL A 313 28.61 3.59 -0.12
N LYS A 314 28.76 4.05 1.12
CA LYS A 314 30.05 4.48 1.65
C LYS A 314 31.02 3.32 1.75
N ALA A 315 30.57 2.20 2.34
CA ALA A 315 31.42 1.02 2.48
C ALA A 315 31.82 0.47 1.14
N ALA A 316 30.90 0.43 0.16
CA ALA A 316 31.20 -0.04 -1.18
C ALA A 316 32.32 0.79 -1.84
N LEU A 317 32.25 2.12 -1.73
CA LEU A 317 33.29 2.98 -2.32
C LEU A 317 34.64 2.85 -1.58
N LEU A 318 34.66 2.35 -0.34
CA LEU A 318 35.89 2.19 0.43
C LEU A 318 36.53 0.84 0.15
N ALA A 319 35.68 -0.20 0.03
CA ALA A 319 36.11 -1.57 -0.21
C ALA A 319 36.66 -1.77 -1.64
N ASP A 320 35.97 -1.22 -2.65
CA ASP A 320 36.38 -1.42 -4.04
C ASP A 320 36.85 -0.18 -4.77
N LYS A 321 36.65 1.01 -4.18
CA LYS A 321 37.17 2.28 -4.71
C LYS A 321 36.83 2.56 -6.16
N PHE A 322 35.55 2.48 -6.55
CA PHE A 322 35.13 2.77 -7.92
C PHE A 322 35.45 4.22 -8.27
N PRO A 323 35.89 4.46 -9.52
CA PRO A 323 36.19 5.85 -9.90
C PRO A 323 34.94 6.70 -10.11
N VAL A 324 33.83 6.05 -10.52
CA VAL A 324 32.59 6.71 -10.86
C VAL A 324 31.37 5.94 -10.36
N LEU A 325 30.38 6.65 -9.84
CA LEU A 325 29.13 6.06 -9.42
C LEU A 325 27.99 6.56 -10.33
N HIS A 326 27.16 5.66 -10.86
CA HIS A 326 26.00 6.05 -11.67
C HIS A 326 24.79 5.98 -10.78
N ASP A 327 24.21 7.14 -10.47
CA ASP A 327 23.04 7.21 -9.60
C ASP A 327 21.75 7.18 -10.42
N ILE A 328 21.23 5.97 -10.72
CA ILE A 328 19.99 5.86 -11.51
C ILE A 328 18.74 5.82 -10.64
N GLY A 329 17.91 6.85 -10.75
CA GLY A 329 16.67 6.90 -9.97
C GLY A 329 16.07 8.26 -9.78
N ASN A 330 15.64 8.54 -8.54
CA ASN A 330 14.98 9.79 -8.12
C ASN A 330 15.60 11.06 -8.72
N PRO A 331 14.86 11.76 -9.62
CA PRO A 331 15.44 12.99 -10.22
C PRO A 331 15.74 14.13 -9.21
N LYS A 332 15.17 14.04 -7.99
CA LYS A 332 15.40 14.99 -6.90
C LYS A 332 16.60 14.64 -5.99
N ALA A 333 17.26 13.48 -6.23
CA ALA A 333 18.34 12.94 -5.41
C ALA A 333 19.56 13.86 -5.24
N ILE A 334 20.20 13.70 -4.07
CA ILE A 334 21.40 14.33 -3.55
C ILE A 334 22.39 13.16 -3.37
N LYS A 335 23.72 13.43 -3.32
CA LYS A 335 24.70 12.36 -3.09
C LYS A 335 24.48 11.79 -1.68
N CYS A 336 24.24 10.48 -1.56
CA CYS A 336 24.04 9.87 -0.23
C CYS A 336 25.32 9.85 0.60
N VAL A 337 26.50 9.80 -0.07
CA VAL A 337 27.83 9.89 0.55
C VAL A 337 28.51 11.17 0.00
N PRO A 338 28.20 12.32 0.61
CA PRO A 338 28.72 13.60 0.10
C PRO A 338 30.24 13.80 0.18
N GLN A 339 30.91 13.14 1.14
CA GLN A 339 32.35 13.30 1.29
C GLN A 339 33.15 12.21 0.58
N ALA A 340 32.57 11.55 -0.44
CA ALA A 340 33.27 10.48 -1.15
C ALA A 340 34.22 11.03 -2.23
N ASP A 341 35.33 10.31 -2.49
CA ASP A 341 36.30 10.73 -3.50
C ASP A 341 35.74 10.63 -4.94
N VAL A 342 34.89 9.60 -5.18
CA VAL A 342 34.21 9.25 -6.43
C VAL A 342 33.56 10.43 -7.26
N GLU A 343 33.29 10.15 -8.56
CA GLU A 343 32.61 11.00 -9.53
C GLU A 343 31.11 10.59 -9.53
N TRP A 344 30.24 11.48 -9.05
CA TRP A 344 28.81 11.18 -8.95
C TRP A 344 28.00 11.69 -10.15
N LYS A 345 27.51 10.76 -10.98
CA LYS A 345 26.71 11.10 -12.17
C LYS A 345 25.25 10.67 -11.97
N PHE A 346 24.30 11.61 -12.06
CA PHE A 346 22.88 11.32 -11.84
C PHE A 346 22.12 11.09 -13.15
N TYR A 347 21.13 10.22 -13.14
CA TYR A 347 20.31 9.89 -14.30
C TYR A 347 18.89 9.90 -13.79
N ASP A 348 18.00 10.68 -14.42
CA ASP A 348 16.63 10.82 -13.95
C ASP A 348 15.71 9.68 -14.37
N ALA A 349 15.00 9.10 -13.41
CA ALA A 349 14.04 8.05 -13.66
C ALA A 349 12.96 8.13 -12.58
N GLN A 350 11.71 8.34 -12.98
CA GLN A 350 10.60 8.40 -12.04
C GLN A 350 10.24 6.99 -11.55
N PRO A 351 9.57 6.85 -10.39
CA PRO A 351 9.21 5.49 -9.94
C PRO A 351 8.24 4.84 -10.91
N CYS A 352 8.62 3.71 -11.52
CA CYS A 352 7.72 3.02 -12.45
C CYS A 352 6.56 2.40 -11.66
N SER A 353 5.34 2.61 -12.10
CA SER A 353 4.17 2.09 -11.39
C SER A 353 3.53 0.88 -12.07
N ASP A 354 3.78 0.68 -13.37
CA ASP A 354 3.19 -0.43 -14.10
C ASP A 354 4.14 -1.65 -14.20
N LYS A 355 5.15 -1.62 -15.10
CA LYS A 355 6.14 -2.68 -15.28
C LYS A 355 7.53 -2.15 -14.91
N ALA A 356 8.42 -3.01 -14.41
CA ALA A 356 9.77 -2.60 -14.06
C ALA A 356 10.51 -2.19 -15.31
N TYR A 357 11.30 -1.13 -15.24
CA TYR A 357 12.07 -0.63 -16.40
C TYR A 357 12.92 -1.71 -17.05
N LYS A 358 13.01 -1.70 -18.37
CA LYS A 358 13.90 -2.63 -19.06
C LYS A 358 15.30 -1.99 -19.01
N ILE A 359 16.30 -2.70 -18.49
CA ILE A 359 17.67 -2.16 -18.41
C ILE A 359 18.20 -1.66 -19.78
N GLU A 360 17.64 -2.15 -20.88
CA GLU A 360 18.05 -1.77 -22.22
C GLU A 360 17.59 -0.36 -22.57
N GLU A 361 16.41 0.07 -22.07
CA GLU A 361 15.94 1.41 -22.38
C GLU A 361 16.48 2.47 -21.40
N LEU A 362 17.00 2.05 -20.24
CA LEU A 362 17.59 2.99 -19.29
C LEU A 362 19.03 3.31 -19.70
N PHE A 363 19.78 2.32 -20.20
CA PHE A 363 21.19 2.52 -20.52
C PHE A 363 21.49 2.72 -21.98
N TYR A 364 20.89 1.93 -22.86
CA TYR A 364 21.19 2.00 -24.29
C TYR A 364 20.39 3.09 -25.04
N SER A 365 20.59 3.16 -26.37
CA SER A 365 20.05 4.15 -27.32
C SER A 365 20.97 5.42 -27.44
N TYR A 366 22.23 5.31 -26.91
CA TYR A 366 23.31 6.31 -26.93
C TYR A 366 22.90 7.72 -26.44
N HIS A 369 25.80 11.49 -19.81
CA HIS A 369 25.90 10.08 -19.47
C HIS A 369 27.29 9.61 -19.74
N SER A 370 27.87 8.85 -18.81
CA SER A 370 29.20 8.27 -19.04
C SER A 370 29.16 7.30 -20.23
N ASP A 371 27.95 6.74 -20.57
CA ASP A 371 27.63 5.77 -21.61
C ASP A 371 28.14 4.39 -21.20
N LYS A 372 29.36 4.35 -20.66
CA LYS A 372 29.98 3.16 -20.14
C LYS A 372 29.53 3.01 -18.67
N PHE A 373 28.32 2.45 -18.48
CA PHE A 373 27.77 2.14 -17.15
C PHE A 373 28.59 0.99 -16.49
N THR A 374 29.29 0.17 -17.30
CA THR A 374 30.20 -0.89 -16.91
C THR A 374 31.41 -0.37 -16.11
N ASP A 375 31.73 0.93 -16.22
CA ASP A 375 32.83 1.55 -15.51
C ASP A 375 32.27 1.99 -14.17
N GLY A 376 32.87 1.51 -13.08
CA GLY A 376 32.42 1.88 -11.75
C GLY A 376 31.23 1.08 -11.23
N VAL A 377 30.37 1.70 -10.43
CA VAL A 377 29.22 1.04 -9.84
C VAL A 377 27.93 1.81 -10.08
N CYS A 378 26.83 1.09 -10.32
CA CYS A 378 25.52 1.69 -10.50
C CYS A 378 24.77 1.55 -9.21
N LEU A 379 24.03 2.60 -8.85
CA LEU A 379 23.25 2.60 -7.64
C LEU A 379 21.78 2.68 -8.01
N PHE A 380 21.01 1.65 -7.67
CA PHE A 380 19.57 1.63 -7.94
C PHE A 380 18.82 1.64 -6.60
N TRP A 381 18.60 2.83 -6.04
CA TRP A 381 17.88 2.93 -4.77
C TRP A 381 16.41 3.15 -5.04
N ASN A 382 15.64 2.08 -4.95
CA ASN A 382 14.21 2.04 -5.24
C ASN A 382 13.89 2.34 -6.69
N CYS A 383 14.83 2.04 -7.61
CA CYS A 383 14.60 2.19 -9.04
C CYS A 383 14.50 0.76 -9.56
N ASN A 384 13.28 0.34 -9.87
CA ASN A 384 12.96 -1.03 -10.28
C ASN A 384 13.27 -1.37 -11.73
N VAL A 385 14.26 -2.23 -11.98
CA VAL A 385 14.57 -2.65 -13.35
C VAL A 385 14.43 -4.18 -13.48
N ASP A 386 14.19 -4.66 -14.70
CA ASP A 386 13.97 -6.09 -14.97
C ASP A 386 15.15 -7.00 -14.61
N ARG A 387 16.38 -6.50 -14.78
CA ARG A 387 17.57 -7.25 -14.48
C ARG A 387 18.65 -6.24 -14.23
N TYR A 388 19.27 -6.29 -13.06
CA TYR A 388 20.33 -5.34 -12.72
C TYR A 388 21.69 -5.80 -13.24
N PRO A 389 22.54 -4.87 -13.69
CA PRO A 389 23.89 -5.28 -14.11
C PRO A 389 24.70 -5.82 -12.94
N ALA A 390 25.76 -6.60 -13.21
CA ALA A 390 26.60 -7.17 -12.16
C ALA A 390 27.27 -6.13 -11.23
N ASN A 391 27.52 -4.89 -11.73
CA ASN A 391 28.18 -3.84 -10.94
C ASN A 391 27.18 -2.90 -10.25
N SER A 392 26.18 -3.47 -9.56
CA SER A 392 25.14 -2.67 -8.92
C SER A 392 25.10 -2.75 -7.39
N ILE A 393 24.47 -1.74 -6.79
CA ILE A 393 24.13 -1.62 -5.37
C ILE A 393 22.63 -1.36 -5.46
N VAL A 394 21.80 -2.26 -4.94
CA VAL A 394 20.36 -2.18 -5.10
C VAL A 394 19.51 -2.28 -3.84
N CYS A 395 18.49 -1.41 -3.77
CA CYS A 395 17.44 -1.49 -2.79
C CYS A 395 16.13 -1.68 -3.60
N ARG A 396 15.50 -2.85 -3.49
CA ARG A 396 14.27 -3.13 -4.22
C ARG A 396 13.19 -3.45 -3.22
N PHE A 397 12.03 -2.78 -3.27
CA PHE A 397 10.93 -3.05 -2.35
C PHE A 397 10.31 -4.42 -2.67
N ASP A 398 10.04 -5.22 -1.64
CA ASP A 398 9.44 -6.53 -1.80
C ASP A 398 7.96 -6.33 -1.61
N THR A 399 7.22 -6.41 -2.73
CA THR A 399 5.77 -6.24 -2.76
C THR A 399 5.00 -7.30 -1.97
N ARG A 400 5.61 -8.45 -1.66
CA ARG A 400 4.94 -9.51 -0.92
C ARG A 400 4.85 -9.24 0.59
N VAL A 401 5.62 -8.25 1.10
CA VAL A 401 5.61 -7.93 2.51
C VAL A 401 4.23 -7.61 3.05
N LEU A 402 3.92 -8.16 4.22
CA LEU A 402 2.68 -7.90 4.93
C LEU A 402 2.88 -6.77 5.94
N SER A 403 2.23 -5.60 5.72
CA SER A 403 2.29 -4.45 6.62
C SER A 403 1.14 -3.48 6.40
N ASN A 404 0.94 -2.55 7.36
CA ASN A 404 -0.10 -1.51 7.26
C ASN A 404 0.18 -0.46 6.20
N LEU A 405 1.43 -0.37 5.71
CA LEU A 405 1.76 0.59 4.65
C LEU A 405 1.48 -0.01 3.28
N ASN A 406 1.69 -1.33 3.12
CA ASN A 406 1.53 -2.07 1.87
C ASN A 406 0.09 -2.63 1.63
N LEU A 407 -0.63 -2.06 0.65
CA LEU A 407 -1.98 -2.50 0.31
C LEU A 407 -1.95 -3.37 -0.96
N PRO A 408 -2.89 -4.34 -1.13
CA PRO A 408 -2.88 -5.19 -2.34
C PRO A 408 -2.87 -4.39 -3.64
N GLY A 409 -2.15 -4.88 -4.63
CA GLY A 409 -2.02 -4.14 -5.87
C GLY A 409 -2.56 -4.83 -7.10
N CYS A 410 -2.22 -4.27 -8.27
N CYS A 410 -2.18 -4.30 -8.26
CA CYS A 410 -2.64 -4.72 -9.59
CA CYS A 410 -2.59 -4.83 -9.56
C CYS A 410 -1.53 -5.58 -10.26
C CYS A 410 -1.49 -5.69 -10.14
N ASP A 411 -1.89 -6.78 -10.78
CA ASP A 411 -0.96 -7.69 -11.45
C ASP A 411 0.29 -8.11 -10.62
N GLY A 412 0.07 -8.47 -9.36
CA GLY A 412 1.16 -8.87 -8.49
C GLY A 412 1.86 -7.74 -7.77
N GLY A 413 1.68 -6.51 -8.25
CA GLY A 413 2.29 -5.35 -7.63
C GLY A 413 1.62 -4.98 -6.33
N SER A 414 2.17 -4.01 -5.60
CA SER A 414 1.55 -3.57 -4.36
C SER A 414 1.51 -2.07 -4.27
N LEU A 415 0.54 -1.52 -3.54
CA LEU A 415 0.45 -0.08 -3.37
C LEU A 415 1.12 0.28 -2.07
N TYR A 416 2.34 0.84 -2.12
CA TYR A 416 3.06 1.17 -0.89
C TYR A 416 2.75 2.59 -0.53
N VAL A 417 2.07 2.78 0.60
CA VAL A 417 1.65 4.10 1.01
C VAL A 417 2.42 4.61 2.23
N ASN A 418 3.42 5.45 1.99
CA ASN A 418 4.24 6.04 3.05
C ASN A 418 4.48 7.48 2.62
N LYS A 419 3.63 8.40 3.13
CA LYS A 419 3.63 9.83 2.81
C LYS A 419 2.92 9.98 1.46
N HIS A 420 3.38 9.23 0.46
CA HIS A 420 2.77 9.23 -0.85
C HIS A 420 2.42 7.80 -1.26
N ALA A 421 1.53 7.65 -2.24
CA ALA A 421 1.16 6.33 -2.73
C ALA A 421 2.07 5.96 -3.91
N PHE A 422 2.69 4.78 -3.84
CA PHE A 422 3.55 4.29 -4.91
C PHE A 422 3.13 2.91 -5.29
N HIS A 423 2.51 2.73 -6.45
CA HIS A 423 2.19 1.38 -6.89
C HIS A 423 3.51 0.83 -7.41
N THR A 424 3.95 -0.30 -6.86
CA THR A 424 5.24 -0.89 -7.20
C THR A 424 5.02 -2.17 -7.97
N PRO A 425 5.70 -2.36 -9.09
CA PRO A 425 5.52 -3.61 -9.86
C PRO A 425 5.91 -4.86 -9.08
N ALA A 426 5.32 -6.01 -9.42
CA ALA A 426 5.57 -7.27 -8.74
C ALA A 426 7.04 -7.60 -8.49
N PHE A 427 7.36 -8.00 -7.25
CA PHE A 427 8.71 -8.41 -6.88
C PHE A 427 9.08 -9.69 -7.69
N ASP A 428 10.30 -9.71 -8.28
CA ASP A 428 10.77 -10.81 -9.11
C ASP A 428 12.22 -11.10 -8.77
N LYS A 429 12.49 -12.29 -8.18
CA LYS A 429 13.84 -12.70 -7.76
C LYS A 429 14.83 -12.88 -8.92
N SER A 430 14.34 -12.98 -10.16
CA SER A 430 15.22 -13.13 -11.31
C SER A 430 15.93 -11.82 -11.70
N ALA A 431 15.46 -10.66 -11.21
CA ALA A 431 16.11 -9.39 -11.47
C ALA A 431 17.50 -9.30 -10.80
N PHE A 432 17.77 -10.15 -9.83
CA PHE A 432 19.02 -10.10 -9.07
C PHE A 432 19.92 -11.31 -9.37
N VAL A 433 19.91 -11.83 -10.62
CA VAL A 433 20.76 -12.96 -10.97
C VAL A 433 22.22 -12.60 -10.96
N ASN A 434 22.56 -11.37 -11.37
CA ASN A 434 23.95 -10.93 -11.40
C ASN A 434 24.47 -10.39 -10.07
N LEU A 435 23.63 -10.37 -9.04
CA LEU A 435 24.00 -9.86 -7.74
C LEU A 435 23.78 -10.94 -6.64
N LYS A 436 24.21 -10.64 -5.41
CA LYS A 436 23.99 -11.46 -4.23
C LYS A 436 23.29 -10.55 -3.18
N GLN A 437 22.71 -11.16 -2.15
CA GLN A 437 22.08 -10.35 -1.10
C GLN A 437 23.19 -9.73 -0.27
N LEU A 438 22.99 -8.47 0.09
CA LEU A 438 23.94 -7.72 0.89
C LEU A 438 23.77 -8.12 2.35
N PRO A 439 24.85 -8.59 2.98
CA PRO A 439 24.75 -9.00 4.39
C PRO A 439 24.81 -7.80 5.35
N PHE A 440 24.34 -7.99 6.59
CA PHE A 440 24.41 -6.93 7.59
C PHE A 440 25.85 -6.64 7.94
N PHE A 441 26.16 -5.38 8.11
CA PHE A 441 27.44 -4.93 8.60
C PHE A 441 27.26 -3.51 9.11
N TYR A 442 28.11 -3.12 10.04
CA TYR A 442 28.15 -1.78 10.56
C TYR A 442 29.57 -1.29 10.32
N TYR A 443 29.74 -0.15 9.67
CA TYR A 443 31.07 0.40 9.44
C TYR A 443 31.19 1.80 10.05
N SER A 444 32.34 2.12 10.64
CA SER A 444 32.59 3.45 11.19
C SER A 444 34.06 3.83 11.28
N ASP A 445 34.45 4.90 10.56
CA ASP A 445 35.80 5.48 10.63
C ASP A 445 35.91 6.54 11.74
N SER A 446 34.76 6.96 12.34
CA SER A 446 34.68 7.97 13.38
C SER A 446 35.51 7.59 14.61
N PRO A 447 35.96 8.59 15.38
CA PRO A 447 36.77 8.28 16.55
C PRO A 447 35.97 7.64 17.68
N CYS A 448 36.67 6.89 18.50
CA CYS A 448 36.11 6.25 19.68
C CYS A 448 36.10 7.34 20.74
N GLU A 449 34.93 7.94 20.99
CA GLU A 449 34.78 8.98 21.98
C GLU A 449 33.32 8.98 22.35
N SER A 450 33.02 8.56 23.59
CA SER A 450 31.66 8.38 24.14
C SER A 450 30.75 9.64 24.17
N HIS A 451 31.12 10.69 24.95
CA HIS A 451 30.34 11.94 25.09
C HIS A 451 28.96 11.75 25.77
N GLY A 452 28.46 12.83 26.39
CA GLY A 452 27.17 12.82 27.07
C GLY A 452 27.13 12.02 28.36
N ILE A 459 21.10 5.52 29.49
CA ILE A 459 21.74 4.60 28.55
C ILE A 459 22.77 3.71 29.26
N ASP A 460 22.36 2.52 29.76
CA ASP A 460 23.29 1.61 30.46
C ASP A 460 23.88 0.50 29.54
N TYR A 461 25.23 0.37 29.59
CA TYR A 461 26.08 -0.51 28.77
C TYR A 461 26.23 -1.98 29.26
N VAL A 462 26.51 -2.88 28.27
CA VAL A 462 26.82 -4.32 28.33
C VAL A 462 27.81 -4.51 27.17
N PRO A 463 29.05 -4.96 27.41
CA PRO A 463 30.02 -5.09 26.30
C PRO A 463 29.49 -5.74 25.03
N LEU A 464 29.80 -5.14 23.87
CA LEU A 464 29.34 -5.69 22.58
C LEU A 464 30.42 -6.54 21.97
N LYS A 465 30.04 -7.74 21.52
CA LYS A 465 30.94 -8.67 20.84
C LYS A 465 30.25 -9.02 19.51
N SER A 466 30.81 -8.57 18.38
CA SER A 466 30.21 -8.85 17.08
C SER A 466 31.23 -8.83 15.97
N ALA A 467 31.16 -9.81 15.07
CA ALA A 467 32.07 -9.86 13.91
C ALA A 467 31.66 -8.86 12.81
N THR A 468 30.43 -8.34 12.85
CA THR A 468 29.94 -7.40 11.86
C THR A 468 30.04 -5.93 12.32
N CYS A 469 30.87 -5.64 13.32
CA CYS A 469 31.06 -4.26 13.79
C CYS A 469 32.42 -3.82 13.27
N ILE A 470 32.51 -3.47 12.00
CA ILE A 470 33.77 -3.06 11.40
C ILE A 470 34.24 -1.68 11.92
N THR A 471 35.02 -1.67 13.02
CA THR A 471 35.54 -0.43 13.59
C THR A 471 37.00 -0.61 14.05
N ARG A 472 37.73 0.50 14.28
CA ARG A 472 39.12 0.49 14.75
C ARG A 472 39.24 -0.15 16.14
N CYS A 473 38.21 0.01 16.98
CA CYS A 473 38.20 -0.56 18.31
C CYS A 473 37.99 -2.05 18.20
N ASN A 474 37.02 -2.49 17.38
CA ASN A 474 36.80 -3.92 17.16
C ASN A 474 37.99 -4.59 16.43
N LEU A 475 38.69 -3.83 15.60
CA LEU A 475 39.90 -4.31 14.94
C LEU A 475 40.97 -4.50 16.03
N GLY A 476 41.11 -3.49 16.91
CA GLY A 476 42.01 -3.49 18.06
C GLY A 476 41.67 -4.51 19.13
N GLY A 477 40.53 -5.17 19.03
CA GLY A 477 40.11 -6.22 19.94
C GLY A 477 38.95 -5.96 20.89
N ALA A 478 38.59 -4.68 21.14
CA ALA A 478 37.52 -4.37 22.10
C ALA A 478 36.64 -3.17 21.69
N VAL A 479 35.37 -3.43 21.36
CA VAL A 479 34.42 -2.39 20.93
C VAL A 479 34.14 -1.29 21.99
N CYS A 480 34.41 -0.01 21.64
CA CYS A 480 34.14 1.11 22.55
C CYS A 480 32.65 1.34 22.72
N ARG A 481 32.25 2.03 23.81
CA ARG A 481 30.85 2.31 24.13
C ARG A 481 30.17 3.11 23.06
N HIS A 482 30.88 4.09 22.46
CA HIS A 482 30.30 4.88 21.38
C HIS A 482 29.92 4.02 20.15
N HIS A 483 30.86 3.17 19.67
CA HIS A 483 30.57 2.34 18.52
C HIS A 483 29.59 1.22 18.86
N ALA A 484 29.55 0.76 20.11
CA ALA A 484 28.56 -0.25 20.51
C ALA A 484 27.16 0.37 20.54
N ASN A 485 27.04 1.65 20.94
CA ASN A 485 25.78 2.40 20.92
C ASN A 485 25.34 2.61 19.47
N GLU A 486 26.25 3.07 18.61
CA GLU A 486 25.94 3.34 17.21
C GLU A 486 25.65 2.09 16.41
N TYR A 487 26.26 0.97 16.76
CA TYR A 487 26.05 -0.30 16.09
C TYR A 487 24.64 -0.78 16.39
N ARG A 488 24.26 -0.78 17.67
CA ARG A 488 22.94 -1.26 18.05
C ARG A 488 21.83 -0.41 17.44
N LEU A 489 22.01 0.92 17.36
CA LEU A 489 21.03 1.79 16.75
C LEU A 489 20.90 1.49 15.28
N TYR A 490 22.03 1.34 14.58
CA TYR A 490 22.05 1.01 13.15
C TYR A 490 21.42 -0.34 12.87
N LEU A 491 21.65 -1.32 13.73
CA LEU A 491 21.04 -2.64 13.58
C LEU A 491 19.51 -2.54 13.75
N ASP A 492 19.03 -1.63 14.61
CA ASP A 492 17.59 -1.44 14.79
C ASP A 492 17.00 -0.85 13.54
N ALA A 493 17.67 0.18 12.97
CA ALA A 493 17.23 0.86 11.75
C ALA A 493 17.28 -0.12 10.56
N TYR A 494 18.34 -0.93 10.49
CA TYR A 494 18.49 -1.95 9.48
C TYR A 494 17.34 -2.96 9.54
N ASN A 495 17.03 -3.50 10.74
CA ASN A 495 15.93 -4.45 10.94
C ASN A 495 14.55 -3.84 10.62
N MET A 496 14.37 -2.54 10.92
CA MET A 496 13.16 -1.76 10.68
C MET A 496 12.83 -1.75 9.18
N MET A 497 13.86 -1.44 8.37
CA MET A 497 13.85 -1.33 6.93
C MET A 497 13.63 -2.69 6.24
N ILE A 498 14.33 -3.74 6.71
CA ILE A 498 14.20 -5.09 6.16
C ILE A 498 12.79 -5.61 6.45
N SER A 499 12.29 -5.37 7.67
CA SER A 499 10.95 -5.80 8.05
C SER A 499 9.87 -5.04 7.28
N ALA A 500 10.12 -3.74 6.95
CA ALA A 500 9.14 -2.97 6.18
C ALA A 500 8.94 -3.48 4.74
N GLY A 501 9.81 -4.38 4.27
CA GLY A 501 9.69 -4.94 2.94
C GLY A 501 10.84 -4.68 1.98
N PHE A 502 11.80 -3.85 2.35
CA PHE A 502 12.91 -3.53 1.46
C PHE A 502 13.92 -4.64 1.39
N SER A 503 14.58 -4.77 0.24
CA SER A 503 15.58 -5.82 0.06
C SER A 503 16.88 -5.26 -0.53
N LEU A 504 18.01 -5.64 0.09
CA LEU A 504 19.32 -5.15 -0.32
C LEU A 504 20.13 -6.18 -1.09
N TRP A 505 20.67 -5.76 -2.23
CA TRP A 505 21.44 -6.59 -3.15
C TRP A 505 22.73 -5.82 -3.53
N VAL A 506 23.83 -6.55 -3.78
CA VAL A 506 25.10 -5.91 -4.13
C VAL A 506 25.89 -6.79 -5.08
N TYR A 507 26.89 -6.21 -5.79
CA TYR A 507 27.79 -6.97 -6.67
C TYR A 507 28.45 -8.12 -5.92
N LYS A 508 28.59 -9.28 -6.58
CA LYS A 508 29.15 -10.50 -6.01
C LYS A 508 30.53 -10.32 -5.38
N GLN A 509 31.35 -9.43 -5.92
CA GLN A 509 32.70 -9.18 -5.39
C GLN A 509 32.72 -8.36 -4.10
N PHE A 510 31.57 -7.91 -3.58
CA PHE A 510 31.55 -7.13 -2.35
C PHE A 510 31.96 -7.99 -1.15
N ASP A 511 32.94 -7.51 -0.37
CA ASP A 511 33.44 -8.26 0.77
C ASP A 511 33.75 -7.28 1.88
N THR A 512 33.05 -7.36 3.02
CA THR A 512 33.33 -6.45 4.14
C THR A 512 34.76 -6.60 4.70
N TYR A 513 35.44 -7.72 4.38
CA TYR A 513 36.82 -7.94 4.81
C TYR A 513 37.74 -6.85 4.28
N ASN A 514 37.39 -6.24 3.13
CA ASN A 514 38.14 -5.14 2.54
C ASN A 514 38.04 -3.82 3.28
N LEU A 515 37.18 -3.73 4.28
CA LEU A 515 37.01 -2.52 5.07
C LEU A 515 37.98 -2.43 6.27
N TRP A 516 38.56 -3.57 6.71
CA TRP A 516 39.47 -3.55 7.85
C TRP A 516 40.78 -2.74 7.58
N ASN A 517 41.29 -2.77 6.34
CA ASN A 517 42.49 -1.99 6.00
C ASN A 517 42.22 -0.52 5.74
N THR A 518 40.93 -0.07 5.77
CA THR A 518 40.64 1.36 5.62
C THR A 518 40.98 2.17 6.91
N PHE A 519 41.54 1.50 7.94
CA PHE A 519 42.06 2.04 9.20
C PHE A 519 43.49 1.50 9.32
N THR A 520 44.52 2.35 9.20
CA THR A 520 45.91 1.87 9.30
C THR A 520 46.80 2.72 10.22
ZN ZN B . -6.15 -7.92 -10.55
ZN ZN C . 35.20 2.59 18.80
ZN ZN D . -13.05 4.76 19.39
P PO4 E . -7.74 7.86 5.67
O1 PO4 E . -6.18 7.78 5.33
O2 PO4 E . -7.98 7.57 7.18
O3 PO4 E . -8.27 9.34 5.37
O4 PO4 E . -8.52 6.80 4.76
P PO4 F . 29.01 7.36 13.41
O1 PO4 F . 29.56 7.93 14.76
O2 PO4 F . 30.21 7.05 12.39
O3 PO4 F . 28.20 6.00 13.67
O4 PO4 F . 28.03 8.44 12.76
C1 7ZC G . 8.67 12.00 6.18
O2 7ZC G . 7.62 11.04 6.32
C3 7ZC G . 6.32 11.50 6.37
C4 7ZC G . 5.37 10.47 6.21
C5 7ZC G . 4.02 10.74 6.21
C6 7ZC G . 3.62 12.05 6.43
N7 7ZC G . 2.36 12.60 6.48
C8 7ZC G . 2.47 13.93 6.75
C9 7ZC G . 3.79 14.30 6.82
C10 7ZC G . 4.33 15.66 7.13
N11 7ZC G . 5.42 16.07 6.25
C12 7ZC G . 6.46 16.76 7.01
C13 7ZC G . 4.92 16.95 5.20
C14 7ZC G . 4.54 13.09 6.64
C15 7ZC G . 5.92 12.80 6.63
#